data_4H9R
#
_entry.id   4H9R
#
_cell.length_a   107.701
_cell.length_b   107.701
_cell.length_c   90.711
_cell.angle_alpha   90.00
_cell.angle_beta   90.00
_cell.angle_gamma   90.00
#
_symmetry.space_group_name_H-M   'P 43 21 2'
#
loop_
_entity.id
_entity.type
_entity.pdbx_description
1 polymer 'Histone H3.3'
2 polymer 'Histone H4'
3 polymer 'Death domain-associated protein 6'
4 non-polymer 'PHOSPHATE ION'
5 water water
#
loop_
_entity_poly.entity_id
_entity_poly.type
_entity_poly.pdbx_seq_one_letter_code
_entity_poly.pdbx_strand_id
1 'polypeptide(L)'
;ARTKQTARKSTGGKAPRKQLATKAARKSAPSTGGVKKPHRYRPGTVALREIRRYQKSTELLIRKLPFQRLVREIAQDFKT
DLRFQSAAIAALQEAAEAFLVALFEDTNLCTIHAKRVTIFPKDIQLARRIRGERA
;
A
2 'polypeptide(L)'
;SGRGKGGKGLGKGGAKRHRKVLRDNIQGITKPAIRRLARRGGVKRISGLIYEETRGVLKVFLENVIRDAVTYTEHAKRKT
VTAMDVVYALKRQGRTLYGFGG
;
B
3 'polypeptide(L)'
;SPRTRGSRRQIQRLEQLLALYVAEIRRLQEKELDLSELDDPDSAYLQAARLKRKLIRLFGRLCELKDCSSLTGRVIEQRI
PYRGTRYPEVNRRIERLINKPGPDTFPDYGDVLRAVEKAAARHSLGLPRQQLQLMAQDAFRDVGIRLQERRHLDLIYNFG
CHLTDDYRPGVDPALSDPVLARRLRENRSLAMSRLDEVISKYAMLQDKSEEG
;
C
#
loop_
_chem_comp.id
_chem_comp.type
_chem_comp.name
_chem_comp.formula
PO4 non-polymer 'PHOSPHATE ION' 'O4 P -3'
#
# COMPACT_ATOMS: atom_id res chain seq x y z
N LYS A 37 -8.33 -0.66 28.41
CA LYS A 37 -8.49 -0.18 27.04
C LYS A 37 -8.25 1.33 26.95
N PRO A 38 -7.37 1.75 26.03
CA PRO A 38 -7.00 3.16 25.88
C PRO A 38 -8.20 4.06 25.52
N HIS A 39 -8.06 5.35 25.81
CA HIS A 39 -9.12 6.31 25.54
C HIS A 39 -8.90 6.94 24.18
N ARG A 40 -9.96 7.10 23.41
CA ARG A 40 -9.82 7.53 22.02
C ARG A 40 -10.33 8.95 21.83
N TYR A 41 -9.50 9.79 21.22
CA TYR A 41 -9.89 11.15 20.91
C TYR A 41 -10.75 11.17 19.64
N ARG A 42 -11.90 11.83 19.75
CA ARG A 42 -12.83 11.97 18.62
C ARG A 42 -13.14 13.46 18.39
N PRO A 43 -12.40 14.10 17.47
CA PRO A 43 -12.57 15.52 17.16
C PRO A 43 -14.03 15.87 16.81
N GLY A 44 -14.48 17.06 17.20
CA GLY A 44 -15.85 17.47 16.90
C GLY A 44 -15.98 17.99 15.48
N THR A 45 -14.92 18.62 15.00
CA THR A 45 -14.91 19.26 13.69
C THR A 45 -14.55 18.34 12.51
N VAL A 46 -13.98 17.17 12.79
CA VAL A 46 -13.49 16.29 11.74
C VAL A 46 -13.73 14.81 12.08
N ALA A 47 -14.31 14.05 11.14
CA ALA A 47 -14.53 12.61 11.36
C ALA A 47 -13.22 11.80 11.37
N LEU A 48 -13.17 10.75 12.19
CA LEU A 48 -11.98 9.91 12.29
C LEU A 48 -11.57 9.21 10.99
N ARG A 49 -12.53 8.89 10.13
CA ARG A 49 -12.20 8.22 8.86
C ARG A 49 -11.30 9.09 8.00
N GLU A 50 -11.60 10.39 7.98
CA GLU A 50 -10.74 11.37 7.31
C GLU A 50 -9.32 11.37 7.89
N ILE A 51 -9.25 11.42 9.22
CA ILE A 51 -8.00 11.37 9.96
C ILE A 51 -7.17 10.12 9.57
N ARG A 52 -7.83 8.97 9.54
CA ARG A 52 -7.19 7.71 9.14
C ARG A 52 -6.60 7.79 7.75
N ARG A 53 -7.35 8.35 6.81
CA ARG A 53 -6.82 8.45 5.45
C ARG A 53 -5.61 9.40 5.36
N TYR A 54 -5.67 10.53 6.08
CA TYR A 54 -4.51 11.43 6.09
C TYR A 54 -3.26 10.74 6.69
N GLN A 55 -3.48 10.01 7.77
CA GLN A 55 -2.40 9.29 8.45
C GLN A 55 -1.73 8.33 7.47
N LYS A 56 -2.55 7.49 6.83
CA LYS A 56 -2.03 6.56 5.81
C LYS A 56 -1.21 7.29 4.76
N SER A 57 -1.71 8.43 4.28
CA SER A 57 -0.90 9.26 3.38
C SER A 57 0.51 9.53 3.92
N THR A 58 0.60 9.82 5.22
CA THR A 58 1.94 10.05 5.79
C THR A 58 2.77 8.78 5.91
N GLU A 59 2.10 7.64 5.78
CA GLU A 59 2.77 6.33 5.84
C GLU A 59 3.36 5.80 4.52
N LEU A 60 3.07 6.47 3.41
CA LEU A 60 3.59 6.03 2.10
C LEU A 60 5.12 6.07 2.05
N LEU A 61 5.73 5.07 1.42
CA LEU A 61 7.20 5.02 1.38
C LEU A 61 7.92 5.60 0.15
N ILE A 62 7.20 5.88 -0.93
CA ILE A 62 7.86 6.46 -2.10
C ILE A 62 7.70 7.97 -2.04
N ARG A 63 8.81 8.68 -2.22
CA ARG A 63 8.78 10.14 -2.22
C ARG A 63 7.71 10.61 -3.19
N LYS A 64 6.88 11.54 -2.76
CA LYS A 64 5.72 11.88 -3.56
C LYS A 64 6.09 12.62 -4.86
N LEU A 65 7.17 13.38 -4.83
CA LEU A 65 7.55 14.14 -6.02
C LEU A 65 8.02 13.21 -7.17
N PRO A 66 9.00 12.31 -6.90
CA PRO A 66 9.31 11.27 -7.90
C PRO A 66 8.10 10.45 -8.33
N PHE A 67 7.12 10.26 -7.45
CA PHE A 67 5.96 9.49 -7.84
C PHE A 67 5.13 10.26 -8.86
N GLN A 68 4.87 11.53 -8.59
CA GLN A 68 4.04 12.29 -9.51
C GLN A 68 4.78 12.46 -10.83
N ARG A 69 6.11 12.53 -10.77
CA ARG A 69 6.94 12.59 -11.97
C ARG A 69 6.90 11.29 -12.78
N LEU A 70 6.67 10.18 -12.10
CA LEU A 70 6.58 8.90 -12.81
C LEU A 70 5.22 8.84 -13.51
N VAL A 71 4.17 9.27 -12.80
CA VAL A 71 2.87 9.41 -13.43
C VAL A 71 2.92 10.34 -14.65
N ARG A 72 3.66 11.44 -14.53
CA ARG A 72 3.85 12.35 -15.65
C ARG A 72 4.57 11.66 -16.81
N GLU A 73 5.62 10.91 -16.48
CA GLU A 73 6.39 10.20 -17.49
C GLU A 73 5.49 9.25 -18.31
N ILE A 74 4.60 8.56 -17.61
CA ILE A 74 3.66 7.63 -18.25
C ILE A 74 2.60 8.37 -19.07
N ALA A 75 1.99 9.36 -18.44
CA ALA A 75 0.95 10.17 -19.07
C ALA A 75 1.36 10.87 -20.37
N GLN A 76 2.60 11.36 -20.45
CA GLN A 76 2.97 12.04 -21.69
C GLN A 76 3.06 11.09 -22.89
N ASP A 77 3.09 9.78 -22.63
CA ASP A 77 3.08 8.80 -23.72
C ASP A 77 1.66 8.59 -24.27
N PHE A 78 0.66 8.95 -23.48
CA PHE A 78 -0.74 8.74 -23.85
C PHE A 78 -1.31 9.93 -24.61
N LYS A 79 -1.33 11.07 -23.94
CA LYS A 79 -1.87 12.31 -24.47
C LYS A 79 -1.12 13.44 -23.82
N THR A 80 -0.82 14.49 -24.59
CA THR A 80 -0.10 15.63 -24.03
C THR A 80 -1.05 16.62 -23.33
N ASP A 81 -2.34 16.49 -23.60
CA ASP A 81 -3.37 17.38 -23.05
C ASP A 81 -4.03 16.82 -21.79
N LEU A 82 -3.53 15.67 -21.31
CA LEU A 82 -4.10 15.04 -20.11
C LEU A 82 -3.86 15.82 -18.82
N ARG A 83 -4.87 15.88 -17.95
CA ARG A 83 -4.72 16.41 -16.60
C ARG A 83 -5.18 15.37 -15.60
N PHE A 84 -4.75 15.52 -14.34
CA PHE A 84 -5.13 14.62 -13.26
C PHE A 84 -5.62 15.42 -12.04
N GLN A 85 -6.75 15.02 -11.46
CA GLN A 85 -7.11 15.50 -10.14
C GLN A 85 -5.97 15.08 -9.23
N SER A 86 -5.58 15.98 -8.31
CA SER A 86 -4.60 15.67 -7.29
C SER A 86 -4.98 14.37 -6.58
N ALA A 87 -6.28 14.24 -6.27
CA ALA A 87 -6.75 13.07 -5.55
C ALA A 87 -6.56 11.78 -6.37
N ALA A 88 -6.51 11.92 -7.68
CA ALA A 88 -6.28 10.74 -8.52
C ALA A 88 -4.84 10.27 -8.38
N ILE A 89 -3.92 11.23 -8.25
CA ILE A 89 -2.52 10.87 -8.03
C ILE A 89 -2.39 10.18 -6.66
N ALA A 90 -3.12 10.69 -5.67
CA ALA A 90 -3.12 10.05 -4.35
C ALA A 90 -3.60 8.61 -4.45
N ALA A 91 -4.74 8.42 -5.11
CA ALA A 91 -5.32 7.07 -5.23
C ALA A 91 -4.32 6.12 -5.91
N LEU A 92 -3.71 6.61 -6.99
CA LEU A 92 -2.67 5.87 -7.68
C LEU A 92 -1.51 5.47 -6.76
N GLN A 93 -1.02 6.40 -5.95
CA GLN A 93 0.13 6.06 -5.13
C GLN A 93 -0.21 5.01 -4.09
N GLU A 94 -1.34 5.20 -3.42
CA GLU A 94 -1.75 4.31 -2.34
C GLU A 94 -1.94 2.89 -2.87
N ALA A 95 -2.59 2.80 -4.04
CA ALA A 95 -2.84 1.49 -4.64
C ALA A 95 -1.54 0.84 -5.11
N ALA A 96 -0.69 1.65 -5.73
CA ALA A 96 0.58 1.17 -6.29
C ALA A 96 1.49 0.60 -5.20
N GLU A 97 1.61 1.33 -4.08
CA GLU A 97 2.41 0.84 -2.98
C GLU A 97 1.80 -0.44 -2.43
N ALA A 98 0.47 -0.49 -2.31
CA ALA A 98 -0.11 -1.75 -1.83
C ALA A 98 0.18 -2.94 -2.80
N PHE A 99 0.21 -2.65 -4.10
CA PHE A 99 0.47 -3.67 -5.13
C PHE A 99 1.89 -4.23 -4.96
N LEU A 100 2.87 -3.34 -4.86
CA LEU A 100 4.26 -3.78 -4.70
C LEU A 100 4.46 -4.55 -3.39
N VAL A 101 3.90 -3.99 -2.31
CA VAL A 101 4.08 -4.65 -1.03
C VAL A 101 3.53 -6.06 -1.08
N ALA A 102 2.34 -6.25 -1.65
CA ALA A 102 1.77 -7.59 -1.72
C ALA A 102 2.60 -8.57 -2.56
N LEU A 103 3.26 -8.05 -3.61
CA LEU A 103 4.25 -8.88 -4.31
C LEU A 103 5.30 -9.40 -3.33
N PHE A 104 5.82 -8.51 -2.50
CA PHE A 104 6.82 -8.99 -1.52
C PHE A 104 6.24 -9.86 -0.40
N GLU A 105 5.00 -9.62 0.00
CA GLU A 105 4.35 -10.49 1.00
C GLU A 105 4.29 -11.92 0.46
N ASP A 106 3.86 -12.06 -0.80
CA ASP A 106 3.71 -13.39 -1.40
C ASP A 106 5.07 -14.08 -1.49
N THR A 107 6.07 -13.30 -1.93
CA THR A 107 7.43 -13.84 -1.99
C THR A 107 7.92 -14.33 -0.63
N ASN A 108 7.80 -13.47 0.37
CA ASN A 108 8.10 -13.80 1.75
C ASN A 108 7.44 -15.12 2.17
N LEU A 109 6.12 -15.15 2.12
CA LEU A 109 5.36 -16.33 2.53
C LEU A 109 5.78 -17.61 1.80
N CYS A 110 6.30 -17.50 0.58
CA CYS A 110 6.77 -18.72 -0.12
C CYS A 110 8.23 -19.09 0.16
N THR A 111 8.89 -18.38 1.06
CA THR A 111 10.32 -18.57 1.26
C THR A 111 10.58 -19.20 2.63
N ILE A 112 10.96 -20.49 2.65
CA ILE A 112 11.10 -21.19 3.90
C ILE A 112 12.48 -21.82 3.97
N HIS A 113 13.34 -21.25 4.81
CA HIS A 113 14.72 -21.70 4.96
C HIS A 113 15.18 -21.50 6.40
N ALA A 114 16.00 -22.43 6.89
CA ALA A 114 16.55 -22.34 8.23
C ALA A 114 17.40 -21.07 8.36
N LYS A 115 18.20 -20.77 7.35
CA LYS A 115 18.97 -19.52 7.34
C LYS A 115 18.52 -18.59 6.21
N ARG A 116 18.43 -17.30 6.54
CA ARG A 116 17.91 -16.31 5.60
C ARG A 116 18.62 -16.29 4.26
N VAL A 117 17.86 -16.03 3.22
CA VAL A 117 18.44 -15.89 1.89
C VAL A 117 18.17 -14.46 1.41
N THR A 118 18.76 -14.14 0.26
CA THR A 118 18.51 -12.86 -0.39
C THR A 118 17.43 -13.13 -1.44
N ILE A 119 16.46 -12.23 -1.55
CA ILE A 119 15.35 -12.45 -2.48
C ILE A 119 15.75 -12.01 -3.89
N PHE A 120 15.52 -12.87 -4.87
CA PHE A 120 15.91 -12.56 -6.23
C PHE A 120 14.66 -12.53 -7.12
N PRO A 121 14.80 -12.08 -8.39
CA PRO A 121 13.63 -12.00 -9.27
C PRO A 121 12.88 -13.33 -9.43
N LYS A 122 13.62 -14.42 -9.55
CA LYS A 122 13.00 -15.72 -9.73
C LYS A 122 12.14 -16.14 -8.55
N ASP A 123 12.49 -15.65 -7.36
CA ASP A 123 11.70 -15.89 -6.15
C ASP A 123 10.36 -15.14 -6.23
N ILE A 124 10.43 -13.90 -6.71
CA ILE A 124 9.23 -13.10 -6.93
C ILE A 124 8.31 -13.85 -7.87
N GLN A 125 8.86 -14.22 -9.02
CA GLN A 125 8.11 -14.86 -10.10
C GLN A 125 7.49 -16.19 -9.63
N LEU A 126 8.30 -17.02 -8.97
CA LEU A 126 7.80 -18.32 -8.48
C LEU A 126 6.67 -18.11 -7.48
N ALA A 127 6.87 -17.21 -6.52
CA ALA A 127 5.83 -16.92 -5.54
C ALA A 127 4.55 -16.47 -6.22
N ARG A 128 4.70 -15.65 -7.25
CA ARG A 128 3.56 -15.11 -7.98
C ARG A 128 2.79 -16.26 -8.66
N ARG A 129 3.54 -17.20 -9.22
CA ARG A 129 2.88 -18.34 -9.84
C ARG A 129 2.19 -19.22 -8.79
N ILE A 130 2.74 -19.24 -7.57
CA ILE A 130 2.20 -20.11 -6.52
C ILE A 130 0.96 -19.53 -5.85
N ARG A 131 1.14 -18.40 -5.16
CA ARG A 131 0.02 -17.70 -4.52
C ARG A 131 -0.50 -16.39 -5.16
N GLY A 132 0.15 -15.90 -6.23
CA GLY A 132 -0.15 -14.57 -6.75
C GLY A 132 -1.22 -14.55 -7.84
N GLU A 133 -1.27 -13.45 -8.60
CA GLU A 133 -2.33 -13.24 -9.59
C GLU A 133 -1.93 -13.69 -11.00
N ARG A 134 -2.90 -14.25 -11.74
CA ARG A 134 -2.63 -14.83 -13.06
C ARG A 134 -3.32 -14.09 -14.22
N LYS B 20 33.82 -5.71 -12.49
CA LYS B 20 32.74 -5.96 -13.44
C LYS B 20 31.42 -5.38 -12.94
N VAL B 21 31.29 -5.23 -11.62
CA VAL B 21 30.09 -4.62 -11.04
C VAL B 21 29.93 -3.19 -11.55
N LEU B 22 28.68 -2.76 -11.73
CA LEU B 22 28.42 -1.40 -12.19
C LEU B 22 27.21 -0.78 -11.53
N ARG B 23 27.32 0.51 -11.19
CA ARG B 23 26.20 1.21 -10.58
C ARG B 23 25.34 1.88 -11.66
N ASP B 24 24.09 1.44 -11.79
CA ASP B 24 23.16 2.10 -12.72
C ASP B 24 22.82 3.50 -12.23
N ASN B 25 22.77 4.47 -13.13
CA ASN B 25 22.28 5.80 -12.77
C ASN B 25 20.75 5.80 -12.74
N ILE B 26 20.17 6.55 -11.82
CA ILE B 26 18.71 6.57 -11.64
C ILE B 26 18.21 7.98 -11.29
N GLN B 27 17.20 8.44 -12.02
CA GLN B 27 16.40 9.60 -11.62
C GLN B 27 15.02 9.03 -11.30
N GLY B 28 14.65 8.99 -10.02
CA GLY B 28 13.49 8.22 -9.64
C GLY B 28 13.46 7.68 -8.22
N ILE B 29 12.79 6.55 -8.09
CA ILE B 29 12.60 5.89 -6.82
C ILE B 29 13.93 5.34 -6.36
N THR B 30 14.38 5.79 -5.19
CA THR B 30 15.70 5.47 -4.68
C THR B 30 15.70 4.08 -4.08
N LYS B 31 16.89 3.47 -3.98
CA LYS B 31 17.06 2.18 -3.29
C LYS B 31 16.40 2.07 -1.91
N PRO B 32 16.57 3.09 -1.03
CA PRO B 32 15.98 2.98 0.31
C PRO B 32 14.45 2.79 0.34
N ALA B 33 13.73 3.47 -0.55
CA ALA B 33 12.28 3.28 -0.58
C ALA B 33 11.95 1.84 -0.99
N ILE B 34 12.72 1.31 -1.92
CA ILE B 34 12.43 -0.03 -2.46
C ILE B 34 12.76 -1.07 -1.39
N ARG B 35 13.84 -0.84 -0.65
CA ARG B 35 14.22 -1.71 0.45
C ARG B 35 13.14 -1.68 1.54
N ARG B 36 12.63 -0.49 1.83
CA ARG B 36 11.56 -0.35 2.81
C ARG B 36 10.22 -0.97 2.38
N LEU B 37 9.87 -0.88 1.10
CA LEU B 37 8.66 -1.52 0.58
C LEU B 37 8.80 -3.03 0.71
N ALA B 38 9.96 -3.53 0.30
CA ALA B 38 10.24 -4.95 0.42
C ALA B 38 10.16 -5.38 1.90
N ARG B 39 10.69 -4.56 2.79
CA ARG B 39 10.69 -4.87 4.22
C ARG B 39 9.28 -4.87 4.80
N ARG B 40 8.47 -3.90 4.37
CA ARG B 40 7.07 -3.83 4.75
C ARG B 40 6.39 -5.11 4.31
N GLY B 41 6.91 -5.72 3.25
CA GLY B 41 6.39 -7.02 2.81
C GLY B 41 6.93 -8.21 3.61
N GLY B 42 7.85 -7.94 4.54
CA GLY B 42 8.51 -8.97 5.31
C GLY B 42 9.80 -9.48 4.69
N VAL B 43 10.19 -8.91 3.56
CA VAL B 43 11.43 -9.35 2.90
C VAL B 43 12.59 -8.48 3.35
N LYS B 44 13.56 -9.07 4.04
CA LYS B 44 14.64 -8.30 4.66
C LYS B 44 15.88 -8.08 3.78
N ARG B 45 16.00 -8.85 2.70
CA ARG B 45 17.19 -8.78 1.84
C ARG B 45 16.81 -9.03 0.38
N ILE B 46 17.30 -8.20 -0.52
CA ILE B 46 16.92 -8.28 -1.94
C ILE B 46 18.12 -8.13 -2.88
N SER B 47 18.03 -8.76 -4.05
CA SER B 47 19.13 -8.78 -5.02
C SER B 47 19.33 -7.42 -5.68
N GLY B 48 20.33 -7.33 -6.54
CA GLY B 48 20.59 -6.11 -7.29
C GLY B 48 19.51 -5.85 -8.33
N LEU B 49 19.12 -6.90 -9.06
CA LEU B 49 18.09 -6.76 -10.09
C LEU B 49 16.71 -6.39 -9.50
N ILE B 50 16.53 -6.60 -8.20
CA ILE B 50 15.25 -6.31 -7.55
C ILE B 50 14.85 -4.84 -7.65
N TYR B 51 15.82 -3.95 -7.52
CA TYR B 51 15.53 -2.51 -7.54
C TYR B 51 14.94 -2.06 -8.89
N GLU B 52 15.61 -2.46 -9.97
CA GLU B 52 15.12 -2.12 -11.30
C GLU B 52 13.85 -2.90 -11.64
N GLU B 53 13.71 -4.11 -11.10
CA GLU B 53 12.47 -4.84 -11.29
C GLU B 53 11.31 -4.14 -10.58
N THR B 54 11.58 -3.54 -9.43
CA THR B 54 10.51 -2.93 -8.65
C THR B 54 10.09 -1.65 -9.37
N ARG B 55 11.08 -0.93 -9.91
CA ARG B 55 10.74 0.23 -10.74
C ARG B 55 9.95 -0.17 -12.00
N GLY B 56 10.40 -1.22 -12.69
CA GLY B 56 9.71 -1.73 -13.88
C GLY B 56 8.28 -2.15 -13.63
N VAL B 57 8.12 -3.05 -12.66
CA VAL B 57 6.81 -3.52 -12.22
C VAL B 57 5.91 -2.35 -11.82
N LEU B 58 6.46 -1.40 -11.05
CA LEU B 58 5.67 -0.22 -10.66
C LEU B 58 5.17 0.54 -11.90
N LYS B 59 6.08 0.71 -12.87
CA LYS B 59 5.75 1.50 -14.05
C LYS B 59 4.63 0.81 -14.83
N VAL B 60 4.74 -0.51 -14.95
CA VAL B 60 3.74 -1.31 -15.66
C VAL B 60 2.37 -1.28 -14.99
N PHE B 61 2.36 -1.45 -13.67
CA PHE B 61 1.10 -1.37 -12.93
C PHE B 61 0.44 -0.03 -13.19
N LEU B 62 1.24 1.03 -13.06
CA LEU B 62 0.68 2.37 -13.23
C LEU B 62 0.15 2.61 -14.64
N GLU B 63 0.89 2.13 -15.65
CA GLU B 63 0.46 2.17 -17.05
C GLU B 63 -0.88 1.46 -17.22
N ASN B 64 -1.01 0.31 -16.58
CA ASN B 64 -2.22 -0.49 -16.69
C ASN B 64 -3.43 0.26 -16.17
N VAL B 65 -3.25 0.81 -14.97
CA VAL B 65 -4.31 1.56 -14.33
C VAL B 65 -4.67 2.81 -15.12
N ILE B 66 -3.66 3.53 -15.57
CA ILE B 66 -3.89 4.78 -16.27
C ILE B 66 -4.52 4.55 -17.65
N ARG B 67 -4.16 3.45 -18.30
CA ARG B 67 -4.78 3.08 -19.59
C ARG B 67 -6.29 2.89 -19.36
N ASP B 68 -6.66 2.15 -18.32
CA ASP B 68 -8.11 2.04 -18.02
C ASP B 68 -8.78 3.39 -17.65
N ALA B 69 -8.17 4.09 -16.69
CA ALA B 69 -8.64 5.39 -16.24
C ALA B 69 -8.88 6.37 -17.39
N VAL B 70 -7.92 6.48 -18.31
CA VAL B 70 -8.09 7.33 -19.47
C VAL B 70 -9.19 6.80 -20.42
N THR B 71 -9.34 5.48 -20.52
CA THR B 71 -10.46 4.96 -21.32
C THR B 71 -11.81 5.50 -20.76
N TYR B 72 -11.93 5.48 -19.44
CA TYR B 72 -13.09 6.09 -18.77
C TYR B 72 -13.20 7.63 -18.96
N THR B 73 -12.08 8.34 -18.75
CA THR B 73 -12.01 9.79 -18.98
C THR B 73 -12.51 10.20 -20.38
N GLU B 74 -12.06 9.46 -21.39
CA GLU B 74 -12.46 9.77 -22.77
C GLU B 74 -13.90 9.35 -23.02
N HIS B 75 -14.35 8.26 -22.39
CA HIS B 75 -15.75 7.88 -22.52
C HIS B 75 -16.68 8.98 -22.00
N ALA B 76 -16.26 9.69 -20.96
CA ALA B 76 -17.03 10.81 -20.41
C ALA B 76 -16.81 12.12 -21.17
N LYS B 77 -15.96 12.10 -22.20
CA LYS B 77 -15.59 13.29 -22.96
C LYS B 77 -14.93 14.39 -22.12
N ARG B 78 -14.01 14.01 -21.23
CA ARG B 78 -13.26 14.96 -20.40
C ARG B 78 -11.78 14.93 -20.77
N LYS B 79 -11.04 16.01 -20.47
CA LYS B 79 -9.58 15.95 -20.58
C LYS B 79 -8.88 15.70 -19.22
N THR B 80 -9.66 15.65 -18.15
CA THR B 80 -9.11 15.43 -16.81
C THR B 80 -9.44 14.04 -16.25
N VAL B 81 -8.41 13.29 -15.88
CA VAL B 81 -8.57 12.02 -15.19
C VAL B 81 -8.94 12.31 -13.72
N THR B 82 -10.09 11.82 -13.28
CA THR B 82 -10.52 12.14 -11.91
C THR B 82 -10.22 10.97 -10.99
N ALA B 83 -10.44 11.16 -9.69
CA ALA B 83 -10.21 10.09 -8.73
C ALA B 83 -11.16 8.95 -9.04
N MET B 84 -12.37 9.30 -9.43
CA MET B 84 -13.36 8.30 -9.78
C MET B 84 -12.91 7.44 -10.98
N ASP B 85 -12.28 8.07 -11.96
CA ASP B 85 -11.77 7.31 -13.11
C ASP B 85 -10.75 6.29 -12.59
N VAL B 86 -9.89 6.76 -11.69
CA VAL B 86 -8.86 5.89 -11.16
C VAL B 86 -9.47 4.73 -10.38
N VAL B 87 -10.52 4.98 -9.59
CA VAL B 87 -11.21 3.89 -8.89
C VAL B 87 -11.77 2.84 -9.85
N TYR B 88 -12.51 3.29 -10.87
CA TYR B 88 -13.07 2.35 -11.83
C TYR B 88 -11.95 1.53 -12.47
N ALA B 89 -10.82 2.16 -12.73
CA ALA B 89 -9.69 1.45 -13.33
C ALA B 89 -9.04 0.46 -12.37
N LEU B 90 -8.88 0.88 -11.12
CA LEU B 90 -8.21 0.07 -10.11
C LEU B 90 -9.02 -1.18 -9.84
N LYS B 91 -10.36 -1.05 -9.86
CA LYS B 91 -11.22 -2.21 -9.55
C LYS B 91 -11.00 -3.31 -10.58
N ARG B 92 -10.47 -2.95 -11.74
CA ARG B 92 -10.28 -3.92 -12.81
C ARG B 92 -8.89 -4.52 -12.84
N GLN B 93 -8.04 -4.10 -11.91
CA GLN B 93 -6.65 -4.58 -11.86
C GLN B 93 -6.45 -5.83 -10.99
N GLY B 94 -7.54 -6.49 -10.61
CA GLY B 94 -7.40 -7.68 -9.77
C GLY B 94 -7.52 -7.39 -8.28
N ARG B 95 -6.72 -8.09 -7.49
CA ARG B 95 -6.92 -8.15 -6.02
C ARG B 95 -6.61 -6.89 -5.18
N THR B 96 -5.77 -6.00 -5.69
CA THR B 96 -5.33 -4.88 -4.88
C THR B 96 -6.45 -4.09 -4.21
N LEU B 97 -7.41 -3.66 -5.02
CA LEU B 97 -8.59 -2.90 -4.54
C LEU B 97 -9.83 -3.78 -4.37
N TYR B 98 -9.67 -5.09 -4.48
CA TYR B 98 -10.85 -5.96 -4.44
C TYR B 98 -11.73 -5.69 -3.21
N GLY B 99 -13.05 -5.56 -3.42
CA GLY B 99 -13.99 -5.40 -2.33
C GLY B 99 -14.36 -3.95 -2.00
N PHE B 100 -13.53 -3.00 -2.45
CA PHE B 100 -13.76 -1.58 -2.20
C PHE B 100 -15.15 -1.14 -2.68
N GLY B 101 -15.87 -0.44 -1.81
CA GLY B 101 -17.18 0.13 -2.15
C GLY B 101 -18.28 -0.91 -2.06
N GLY B 102 -17.91 -2.13 -1.68
CA GLY B 102 -18.83 -3.25 -1.68
C GLY B 102 -18.53 -4.22 -2.79
N ARG C 5 -7.80 17.03 32.26
CA ARG C 5 -8.65 17.75 31.31
C ARG C 5 -7.95 19.00 30.74
N GLY C 6 -8.15 19.25 29.44
CA GLY C 6 -7.51 20.37 28.77
C GLY C 6 -8.38 21.61 28.68
N SER C 7 -7.76 22.76 28.41
CA SER C 7 -8.49 24.02 28.26
C SER C 7 -9.53 23.88 27.16
N ARG C 8 -10.79 24.15 27.51
CA ARG C 8 -11.88 23.99 26.55
C ARG C 8 -11.69 24.97 25.40
N ARG C 9 -11.35 26.22 25.72
CA ARG C 9 -11.09 27.24 24.71
C ARG C 9 -9.99 26.83 23.72
N GLN C 10 -8.85 26.36 24.24
CA GLN C 10 -7.75 26.02 23.34
C GLN C 10 -8.10 24.80 22.48
N ILE C 11 -8.81 23.83 23.08
CA ILE C 11 -9.31 22.70 22.32
C ILE C 11 -10.20 23.21 21.18
N GLN C 12 -11.07 24.18 21.50
CA GLN C 12 -11.99 24.75 20.53
C GLN C 12 -11.23 25.37 19.35
N ARG C 13 -10.27 26.24 19.65
CA ARG C 13 -9.45 26.86 18.59
C ARG C 13 -8.69 25.84 17.74
N LEU C 14 -7.99 24.93 18.41
CA LEU C 14 -7.28 23.87 17.69
C LEU C 14 -8.20 23.03 16.80
N GLU C 15 -9.44 22.81 17.22
CA GLU C 15 -10.34 22.02 16.40
C GLU C 15 -10.82 22.82 15.19
N GLN C 16 -11.02 24.12 15.39
CA GLN C 16 -11.32 24.99 14.25
C GLN C 16 -10.18 24.98 13.22
N LEU C 17 -8.93 25.08 13.71
CA LEU C 17 -7.76 24.97 12.84
C LEU C 17 -7.76 23.64 12.07
N LEU C 18 -8.06 22.57 12.79
CA LEU C 18 -8.12 21.26 12.18
C LEU C 18 -9.11 21.25 11.00
N ALA C 19 -10.26 21.89 11.21
CA ALA C 19 -11.31 21.95 10.18
C ALA C 19 -10.83 22.78 8.99
N LEU C 20 -10.07 23.83 9.28
CA LEU C 20 -9.48 24.67 8.24
C LEU C 20 -8.51 23.85 7.36
N TYR C 21 -7.65 23.06 8.01
CA TYR C 21 -6.72 22.21 7.29
C TYR C 21 -7.50 21.25 6.40
N VAL C 22 -8.59 20.70 6.93
CA VAL C 22 -9.40 19.78 6.13
C VAL C 22 -9.97 20.48 4.89
N ALA C 23 -10.57 21.65 5.07
CA ALA C 23 -11.15 22.38 3.92
C ALA C 23 -10.09 22.62 2.84
N GLU C 24 -8.89 23.01 3.28
CA GLU C 24 -7.84 23.30 2.33
C GLU C 24 -7.35 22.02 1.62
N ILE C 25 -7.29 20.91 2.36
CA ILE C 25 -6.89 19.64 1.77
C ILE C 25 -7.91 19.23 0.70
N ARG C 26 -9.19 19.41 0.97
CA ARG C 26 -10.22 19.05 -0.03
C ARG C 26 -10.08 19.93 -1.26
N ARG C 27 -9.90 21.24 -1.02
CA ARG C 27 -9.68 22.17 -2.13
C ARG C 27 -8.53 21.68 -3.00
N LEU C 28 -7.41 21.35 -2.38
CA LEU C 28 -6.22 20.91 -3.10
C LEU C 28 -6.43 19.58 -3.80
N GLN C 29 -7.21 18.69 -3.17
CA GLN C 29 -7.51 17.37 -3.72
C GLN C 29 -8.28 17.50 -5.02
N GLU C 30 -9.08 18.56 -5.14
CA GLU C 30 -9.87 18.79 -6.35
C GLU C 30 -9.14 19.52 -7.49
N LYS C 31 -7.95 20.06 -7.21
CA LYS C 31 -7.14 20.75 -8.21
C LYS C 31 -6.75 19.81 -9.34
N GLU C 32 -6.81 20.31 -10.56
CA GLU C 32 -6.47 19.50 -11.73
C GLU C 32 -5.06 19.82 -12.20
N LEU C 33 -4.20 18.81 -12.29
CA LEU C 33 -2.79 19.05 -12.59
C LEU C 33 -2.47 18.72 -14.04
N ASP C 34 -1.99 19.71 -14.79
CA ASP C 34 -1.49 19.39 -16.14
C ASP C 34 -0.08 18.81 -16.05
N LEU C 35 0.48 18.42 -17.20
CA LEU C 35 1.76 17.72 -17.22
C LEU C 35 2.91 18.53 -16.62
N SER C 36 2.87 19.85 -16.80
CA SER C 36 3.95 20.66 -16.24
C SER C 36 3.83 20.75 -14.72
N GLU C 37 2.60 20.68 -14.22
CA GLU C 37 2.36 20.77 -12.78
C GLU C 37 2.82 19.47 -12.10
N LEU C 38 2.73 18.35 -12.82
CA LEU C 38 3.20 17.07 -12.29
C LEU C 38 4.72 17.03 -12.22
N ASP C 39 5.37 18.00 -12.88
CA ASP C 39 6.82 18.16 -12.78
C ASP C 39 7.18 19.16 -11.67
N ASP C 40 6.17 19.61 -10.94
CA ASP C 40 6.34 20.72 -10.01
C ASP C 40 6.40 20.30 -8.53
N PRO C 41 7.53 20.61 -7.86
CA PRO C 41 7.73 20.36 -6.43
C PRO C 41 6.68 21.06 -5.55
N ASP C 42 6.10 22.13 -6.05
CA ASP C 42 5.04 22.86 -5.36
C ASP C 42 3.60 22.49 -5.77
N SER C 43 3.44 21.37 -6.49
CA SER C 43 2.13 21.00 -7.02
C SER C 43 1.12 20.84 -5.88
N ALA C 44 -0.16 20.93 -6.23
CA ALA C 44 -1.25 20.71 -5.29
C ALA C 44 -1.22 19.35 -4.60
N TYR C 45 -0.58 18.36 -5.23
CA TYR C 45 -0.48 17.01 -4.65
C TYR C 45 0.51 17.05 -3.49
N LEU C 46 1.63 17.74 -3.70
CA LEU C 46 2.63 17.88 -2.66
C LEU C 46 2.17 18.88 -1.57
N GLN C 47 1.47 19.94 -1.98
CA GLN C 47 0.89 20.85 -0.99
C GLN C 47 -0.10 20.11 -0.10
N ALA C 48 -0.99 19.34 -0.73
CA ALA C 48 -1.96 18.53 0.03
C ALA C 48 -1.27 17.54 0.96
N ALA C 49 -0.21 16.88 0.47
CA ALA C 49 0.50 15.91 1.30
C ALA C 49 1.10 16.57 2.56
N ARG C 50 1.75 17.70 2.35
CA ARG C 50 2.39 18.41 3.44
C ARG C 50 1.34 18.89 4.46
N LEU C 51 0.19 19.30 3.95
CA LEU C 51 -0.90 19.70 4.83
C LEU C 51 -1.48 18.52 5.63
N LYS C 52 -1.60 17.36 5.01
CA LYS C 52 -2.04 16.18 5.72
C LYS C 52 -1.06 15.92 6.88
N ARG C 53 0.23 16.12 6.62
CA ARG C 53 1.22 15.90 7.67
C ARG C 53 1.01 16.88 8.83
N LYS C 54 0.87 18.17 8.49
CA LYS C 54 0.60 19.21 9.47
C LYS C 54 -0.60 18.84 10.35
N LEU C 55 -1.66 18.39 9.68
CA LEU C 55 -2.91 18.02 10.33
C LEU C 55 -2.69 16.87 11.30
N ILE C 56 -1.97 15.85 10.87
CA ILE C 56 -1.73 14.70 11.74
C ILE C 56 -0.92 15.13 12.98
N ARG C 57 0.03 16.05 12.80
CA ARG C 57 0.77 16.55 13.96
C ARG C 57 -0.17 17.27 14.92
N LEU C 58 -1.09 18.05 14.34
CA LEU C 58 -2.01 18.83 15.19
C LEU C 58 -2.95 17.87 15.94
N PHE C 59 -3.45 16.86 15.23
CA PHE C 59 -4.28 15.83 15.82
C PHE C 59 -3.56 15.19 17.01
N GLY C 60 -2.28 14.87 16.82
CA GLY C 60 -1.49 14.28 17.89
C GLY C 60 -1.42 15.19 19.10
N ARG C 61 -1.15 16.48 18.86
CA ARG C 61 -1.11 17.44 19.96
C ARG C 61 -2.45 17.57 20.70
N LEU C 62 -3.55 17.43 19.94
CA LEU C 62 -4.89 17.40 20.53
C LEU C 62 -5.11 16.15 21.39
N CYS C 63 -4.66 14.99 20.91
CA CYS C 63 -4.67 13.78 21.74
C CYS C 63 -3.93 14.02 23.05
N GLU C 64 -2.80 14.73 22.97
CA GLU C 64 -2.03 15.04 24.16
C GLU C 64 -2.82 15.95 25.10
N LEU C 65 -3.59 16.88 24.52
CA LEU C 65 -4.37 17.82 25.30
C LEU C 65 -5.62 17.19 25.90
N LYS C 66 -6.10 16.11 25.29
CA LYS C 66 -7.28 15.41 25.76
C LYS C 66 -6.92 14.24 26.66
N ASP C 67 -5.61 14.00 26.82
CA ASP C 67 -5.11 12.81 27.49
C ASP C 67 -5.79 11.55 26.93
N CYS C 68 -5.80 11.45 25.61
CA CYS C 68 -6.30 10.25 24.94
C CYS C 68 -5.11 9.57 24.27
N SER C 69 -5.34 8.41 23.66
CA SER C 69 -4.28 7.73 22.93
C SER C 69 -4.10 8.40 21.57
N SER C 70 -3.15 7.88 20.78
CA SER C 70 -2.87 8.38 19.45
C SER C 70 -3.61 7.55 18.38
N LEU C 71 -4.38 6.56 18.83
CA LEU C 71 -5.09 5.65 17.93
C LEU C 71 -6.22 6.32 17.11
N THR C 72 -6.27 5.99 15.83
CA THR C 72 -7.32 6.49 14.92
C THR C 72 -8.45 5.52 14.55
N GLY C 73 -8.37 4.27 15.03
CA GLY C 73 -9.37 3.28 14.70
C GLY C 73 -9.04 2.49 13.44
N ARG C 74 -7.78 2.55 13.00
CA ARG C 74 -7.32 1.78 11.85
C ARG C 74 -7.54 0.28 12.07
N VAL C 75 -7.80 -0.47 10.99
CA VAL C 75 -7.97 -1.92 11.10
C VAL C 75 -6.69 -2.61 11.60
N ILE C 76 -5.53 -2.06 11.23
CA ILE C 76 -4.27 -2.67 11.64
C ILE C 76 -4.01 -2.51 13.15
N GLU C 77 -4.83 -1.70 13.83
CA GLU C 77 -4.81 -1.61 15.29
C GLU C 77 -5.47 -2.86 15.91
N GLN C 78 -6.33 -3.53 15.15
CA GLN C 78 -7.03 -4.72 15.64
C GLN C 78 -6.08 -5.89 15.86
N ARG C 79 -6.18 -6.51 17.04
CA ARG C 79 -5.25 -7.59 17.38
C ARG C 79 -5.58 -8.92 16.72
N ILE C 80 -4.59 -9.55 16.13
CA ILE C 80 -4.72 -10.92 15.60
C ILE C 80 -4.26 -11.94 16.62
N PRO C 81 -5.20 -12.69 17.21
CA PRO C 81 -4.84 -13.71 18.20
C PRO C 81 -4.23 -14.92 17.51
N TYR C 82 -3.28 -15.61 18.15
CA TYR C 82 -2.84 -16.91 17.64
C TYR C 82 -2.83 -17.95 18.75
N ARG C 83 -3.75 -18.91 18.67
CA ARG C 83 -3.81 -20.08 19.55
C ARG C 83 -3.32 -21.40 18.93
N GLY C 84 -2.75 -21.32 17.73
CA GLY C 84 -2.48 -22.48 16.89
C GLY C 84 -1.64 -23.68 17.32
N THR C 85 -0.72 -23.51 18.28
CA THR C 85 0.04 -24.68 18.75
C THR C 85 -0.50 -25.21 20.07
N ARG C 86 0.07 -26.33 20.53
CA ARG C 86 -0.34 -26.95 21.78
C ARG C 86 0.46 -26.39 22.97
N TYR C 87 1.30 -25.39 22.70
CA TYR C 87 2.07 -24.74 23.76
C TYR C 87 1.72 -23.24 23.86
N PRO C 88 1.04 -22.85 24.96
CA PRO C 88 0.60 -21.47 25.09
C PRO C 88 1.76 -20.48 25.16
N GLU C 89 2.92 -20.91 25.65
CA GLU C 89 4.12 -20.07 25.65
C GLU C 89 4.45 -19.62 24.22
N VAL C 90 4.56 -20.62 23.35
CA VAL C 90 4.78 -20.39 21.95
C VAL C 90 3.68 -19.52 21.35
N ASN C 91 2.42 -19.86 21.62
CA ASN C 91 1.29 -19.11 21.06
C ASN C 91 1.31 -17.62 21.42
N ARG C 92 1.49 -17.32 22.71
CA ARG C 92 1.54 -15.93 23.15
C ARG C 92 2.74 -15.21 22.50
N ARG C 93 3.86 -15.92 22.35
CA ARG C 93 5.02 -15.32 21.69
C ARG C 93 4.74 -14.93 20.22
N ILE C 94 4.06 -15.82 19.49
CA ILE C 94 3.73 -15.54 18.09
C ILE C 94 2.71 -14.40 17.96
N GLU C 95 1.72 -14.41 18.85
CA GLU C 95 0.72 -13.34 18.88
C GLU C 95 1.41 -11.98 19.11
N ARG C 96 2.31 -11.97 20.08
CA ARG C 96 3.17 -10.83 20.38
C ARG C 96 3.86 -10.35 19.10
N LEU C 97 4.56 -11.27 18.43
CA LEU C 97 5.32 -10.93 17.22
C LEU C 97 4.46 -10.35 16.10
N ILE C 98 3.23 -10.82 15.95
CA ILE C 98 2.39 -10.32 14.86
C ILE C 98 1.55 -9.09 15.20
N ASN C 99 1.45 -8.75 16.48
CA ASN C 99 0.70 -7.54 16.86
C ASN C 99 1.49 -6.25 17.17
N LYS C 100 2.80 -6.27 16.93
CA LYS C 100 3.59 -5.04 17.00
C LYS C 100 2.91 -3.94 16.17
N PRO C 101 2.75 -2.74 16.74
CA PRO C 101 2.04 -1.66 16.05
C PRO C 101 2.75 -1.19 14.79
N GLY C 102 2.02 -0.54 13.89
CA GLY C 102 2.63 0.06 12.73
C GLY C 102 2.36 -0.61 11.40
N PRO C 103 2.61 0.11 10.30
CA PRO C 103 2.42 -0.37 8.92
C PRO C 103 3.44 -1.42 8.52
N ASP C 104 4.54 -1.51 9.26
CA ASP C 104 5.63 -2.42 8.89
C ASP C 104 5.66 -3.79 9.57
N THR C 105 4.63 -4.16 10.30
CA THR C 105 4.74 -5.39 11.06
C THR C 105 4.31 -6.54 10.14
N PHE C 106 5.32 -7.25 9.64
CA PHE C 106 5.17 -8.45 8.83
C PHE C 106 6.40 -9.34 9.01
N PRO C 107 6.37 -10.28 9.96
CA PRO C 107 7.53 -11.16 10.16
C PRO C 107 7.87 -12.01 8.93
N ASP C 108 9.13 -12.43 8.81
CA ASP C 108 9.47 -13.49 7.86
C ASP C 108 9.53 -14.87 8.57
N TYR C 109 9.80 -15.94 7.82
CA TYR C 109 9.80 -17.27 8.41
C TYR C 109 10.84 -17.35 9.52
N GLY C 110 11.98 -16.69 9.31
CA GLY C 110 13.04 -16.71 10.29
C GLY C 110 12.61 -16.07 11.59
N ASP C 111 11.83 -15.00 11.50
CA ASP C 111 11.28 -14.34 12.68
C ASP C 111 10.37 -15.28 13.47
N VAL C 112 9.48 -15.98 12.76
CA VAL C 112 8.56 -16.90 13.40
C VAL C 112 9.31 -18.04 14.07
N LEU C 113 10.23 -18.65 13.32
CA LEU C 113 11.04 -19.76 13.81
C LEU C 113 11.87 -19.33 15.03
N ARG C 114 12.40 -18.11 14.98
CA ARG C 114 13.21 -17.60 16.09
C ARG C 114 12.32 -17.41 17.32
N ALA C 115 11.11 -16.90 17.11
CA ALA C 115 10.16 -16.75 18.21
C ALA C 115 9.79 -18.11 18.83
N VAL C 116 9.58 -19.12 18.00
CA VAL C 116 9.25 -20.46 18.46
C VAL C 116 10.41 -21.08 19.25
N GLU C 117 11.64 -20.93 18.72
CA GLU C 117 12.83 -21.52 19.33
C GLU C 117 13.14 -20.82 20.63
N LYS C 118 12.91 -19.51 20.65
CA LYS C 118 13.13 -18.68 21.82
C LYS C 118 12.13 -19.04 22.91
N ALA C 119 10.86 -19.16 22.55
CA ALA C 119 9.85 -19.58 23.51
C ALA C 119 10.19 -20.96 24.08
N ALA C 120 10.62 -21.88 23.20
CA ALA C 120 10.97 -23.24 23.62
C ALA C 120 12.18 -23.29 24.56
N ALA C 121 13.29 -22.69 24.13
CA ALA C 121 14.54 -22.69 24.90
C ALA C 121 14.40 -21.90 26.19
N ARG C 122 13.57 -20.86 26.15
CA ARG C 122 13.23 -20.10 27.34
C ARG C 122 12.51 -21.00 28.34
N HIS C 123 11.42 -21.61 27.91
CA HIS C 123 10.56 -22.33 28.84
C HIS C 123 10.94 -23.79 29.03
N SER C 124 12.09 -24.17 28.48
CA SER C 124 12.60 -25.54 28.58
C SER C 124 11.52 -26.57 28.27
N LEU C 125 11.02 -26.55 27.05
CA LEU C 125 9.92 -27.42 26.69
C LEU C 125 10.42 -28.70 26.03
N GLY C 126 11.74 -28.77 25.85
CA GLY C 126 12.40 -29.93 25.29
C GLY C 126 11.86 -30.35 23.93
N LEU C 127 11.60 -29.38 23.07
CA LEU C 127 11.10 -29.68 21.74
C LEU C 127 12.28 -29.84 20.79
N PRO C 128 12.38 -31.01 20.11
CA PRO C 128 13.47 -31.21 19.14
C PRO C 128 13.33 -30.27 17.93
N ARG C 129 14.33 -30.27 17.06
CA ARG C 129 14.44 -29.20 16.07
C ARG C 129 13.36 -29.30 15.00
N GLN C 130 13.01 -30.51 14.60
CA GLN C 130 12.07 -30.69 13.50
C GLN C 130 10.62 -30.39 13.91
N GLN C 131 10.32 -30.65 15.18
CA GLN C 131 9.02 -30.29 15.75
C GLN C 131 8.89 -28.77 15.76
N LEU C 132 9.98 -28.10 16.16
CA LEU C 132 10.06 -26.66 16.16
C LEU C 132 9.87 -26.10 14.76
N GLN C 133 10.58 -26.69 13.79
CA GLN C 133 10.50 -26.21 12.40
C GLN C 133 9.09 -26.38 11.85
N LEU C 134 8.45 -27.51 12.16
CA LEU C 134 7.10 -27.75 11.66
C LEU C 134 6.08 -26.78 12.28
N MET C 135 6.15 -26.64 13.61
CA MET C 135 5.35 -25.63 14.32
C MET C 135 5.52 -24.25 13.70
N ALA C 136 6.76 -23.85 13.45
CA ALA C 136 7.03 -22.54 12.86
C ALA C 136 6.45 -22.40 11.46
N GLN C 137 6.51 -23.46 10.65
CA GLN C 137 5.94 -23.39 9.31
C GLN C 137 4.41 -23.23 9.33
N ASP C 138 3.75 -24.05 10.14
CA ASP C 138 2.29 -23.97 10.25
C ASP C 138 1.87 -22.58 10.74
N ALA C 139 2.57 -22.11 11.78
CA ALA C 139 2.29 -20.79 12.37
C ALA C 139 2.50 -19.65 11.38
N PHE C 140 3.65 -19.65 10.72
CA PHE C 140 3.98 -18.63 9.72
C PHE C 140 2.87 -18.56 8.68
N ARG C 141 2.43 -19.73 8.22
CA ARG C 141 1.32 -19.76 7.26
C ARG C 141 0.05 -19.06 7.78
N ASP C 142 -0.42 -19.52 8.95
CA ASP C 142 -1.62 -18.92 9.57
C ASP C 142 -1.53 -17.39 9.71
N VAL C 143 -0.44 -16.96 10.33
CA VAL C 143 -0.27 -15.54 10.60
C VAL C 143 -0.12 -14.75 9.31
N GLY C 144 0.45 -15.38 8.28
CA GLY C 144 0.59 -14.73 6.99
C GLY C 144 -0.77 -14.38 6.43
N ILE C 145 -1.65 -15.37 6.39
CA ILE C 145 -3.02 -15.13 5.89
C ILE C 145 -3.73 -14.01 6.66
N ARG C 146 -3.60 -14.03 7.99
CA ARG C 146 -4.29 -13.00 8.77
C ARG C 146 -3.71 -11.57 8.65
N LEU C 147 -2.39 -11.47 8.61
CA LEU C 147 -1.74 -10.21 8.33
C LEU C 147 -2.15 -9.63 6.97
N GLN C 148 -2.12 -10.45 5.91
CA GLN C 148 -2.55 -9.94 4.60
C GLN C 148 -4.02 -9.48 4.62
N GLU C 149 -4.87 -10.25 5.31
CA GLU C 149 -6.27 -9.87 5.47
C GLU C 149 -6.42 -8.50 6.16
N ARG C 150 -5.69 -8.30 7.26
CA ARG C 150 -5.80 -7.05 7.99
C ARG C 150 -5.33 -5.88 7.14
N ARG C 151 -4.24 -6.06 6.39
CA ARG C 151 -3.79 -4.95 5.52
C ARG C 151 -4.77 -4.66 4.40
N HIS C 152 -5.37 -5.71 3.83
CA HIS C 152 -6.33 -5.51 2.77
C HIS C 152 -7.51 -4.68 3.27
N LEU C 153 -8.03 -5.07 4.43
CA LEU C 153 -9.19 -4.36 4.99
C LEU C 153 -8.85 -2.94 5.37
N ASP C 154 -7.65 -2.75 5.91
CA ASP C 154 -7.19 -1.42 6.28
C ASP C 154 -7.11 -0.53 5.04
N LEU C 155 -6.68 -1.12 3.92
CA LEU C 155 -6.61 -0.37 2.67
C LEU C 155 -8.02 -0.01 2.18
N ILE C 156 -8.87 -1.01 1.95
CA ILE C 156 -10.17 -0.71 1.35
C ILE C 156 -11.15 0.06 2.24
N TYR C 157 -10.99 0.00 3.55
CA TYR C 157 -11.86 0.84 4.38
C TYR C 157 -11.32 2.27 4.57
N ASN C 158 -10.05 2.45 4.24
CA ASN C 158 -9.38 3.75 4.33
C ASN C 158 -9.00 4.48 3.04
N PHE C 159 -9.56 4.03 1.92
CA PHE C 159 -9.11 4.49 0.60
C PHE C 159 -9.76 5.77 0.07
N GLY C 160 -8.97 6.58 -0.62
CA GLY C 160 -9.49 7.71 -1.36
C GLY C 160 -9.86 8.91 -0.52
N CYS C 161 -10.96 9.54 -0.90
CA CYS C 161 -11.37 10.79 -0.29
C CYS C 161 -12.84 11.07 -0.61
N HIS C 162 -13.32 12.26 -0.27
CA HIS C 162 -14.72 12.61 -0.46
C HIS C 162 -15.20 12.43 -1.90
N LEU C 163 -14.31 12.61 -2.87
CA LEU C 163 -14.63 12.50 -4.28
C LEU C 163 -14.98 11.06 -4.68
N THR C 164 -14.39 10.11 -3.96
CA THR C 164 -14.65 8.70 -4.16
C THR C 164 -15.61 8.03 -3.16
N ASP C 165 -16.09 8.78 -2.17
CA ASP C 165 -16.86 8.18 -1.08
C ASP C 165 -18.25 7.69 -1.50
N ASP C 166 -18.74 8.23 -2.61
CA ASP C 166 -20.04 7.80 -3.14
C ASP C 166 -19.93 6.69 -4.20
N TYR C 167 -18.71 6.21 -4.45
CA TYR C 167 -18.51 5.11 -5.39
C TYR C 167 -19.31 3.88 -4.98
N ARG C 168 -19.98 3.27 -5.95
CA ARG C 168 -20.45 1.89 -5.80
C ARG C 168 -20.34 1.16 -7.14
N PRO C 169 -20.01 -0.14 -7.09
CA PRO C 169 -19.65 -0.91 -8.29
C PRO C 169 -20.78 -0.97 -9.32
N GLY C 170 -22.03 -0.86 -8.85
CA GLY C 170 -23.17 -0.94 -9.73
C GLY C 170 -23.32 0.28 -10.63
N VAL C 171 -22.52 1.32 -10.39
CA VAL C 171 -22.60 2.58 -11.15
C VAL C 171 -21.54 2.64 -12.29
N ASP C 172 -20.71 1.60 -12.38
CA ASP C 172 -19.67 1.54 -13.40
C ASP C 172 -20.28 1.72 -14.79
N PRO C 173 -19.92 2.82 -15.49
CA PRO C 173 -20.42 3.16 -16.83
C PRO C 173 -20.31 1.96 -17.79
N ALA C 174 -19.28 1.15 -17.59
CA ALA C 174 -19.01 0.02 -18.47
C ALA C 174 -20.20 -0.95 -18.52
N LEU C 175 -20.95 -1.00 -17.42
CA LEU C 175 -22.08 -1.90 -17.33
C LEU C 175 -23.17 -1.58 -18.34
N SER C 176 -23.33 -0.30 -18.69
CA SER C 176 -24.32 0.11 -19.69
C SER C 176 -23.81 0.42 -21.12
N ASP C 177 -22.50 0.28 -21.35
CA ASP C 177 -21.90 0.65 -22.63
C ASP C 177 -20.98 -0.44 -23.19
N PRO C 178 -21.52 -1.26 -24.09
CA PRO C 178 -20.78 -2.43 -24.60
C PRO C 178 -19.50 -2.05 -25.36
N VAL C 179 -19.45 -0.88 -26.00
CA VAL C 179 -18.23 -0.43 -26.63
C VAL C 179 -17.13 -0.20 -25.57
N LEU C 180 -17.50 0.52 -24.52
CA LEU C 180 -16.58 0.80 -23.42
C LEU C 180 -16.11 -0.50 -22.79
N ALA C 181 -17.04 -1.42 -22.58
CA ALA C 181 -16.73 -2.69 -21.92
C ALA C 181 -15.75 -3.50 -22.77
N ARG C 182 -15.96 -3.47 -24.09
CA ARG C 182 -15.07 -4.21 -25.01
C ARG C 182 -13.66 -3.62 -25.00
N ARG C 183 -13.56 -2.29 -25.01
CA ARG C 183 -12.23 -1.66 -24.90
C ARG C 183 -11.51 -2.02 -23.59
N LEU C 184 -12.22 -1.92 -22.47
CA LEU C 184 -11.66 -2.29 -21.18
C LEU C 184 -11.18 -3.75 -21.16
N ARG C 185 -11.93 -4.61 -21.84
CA ARG C 185 -11.61 -6.05 -21.90
C ARG C 185 -10.29 -6.29 -22.67
N GLU C 186 -10.17 -5.61 -23.80
CA GLU C 186 -8.92 -5.59 -24.56
C GLU C 186 -7.73 -5.10 -23.68
N ASN C 187 -7.95 -3.95 -23.05
CA ASN C 187 -6.98 -3.35 -22.12
C ASN C 187 -6.50 -4.38 -21.10
N ARG C 188 -7.44 -5.10 -20.52
CA ARG C 188 -7.17 -6.09 -19.50
C ARG C 188 -6.27 -7.23 -20.01
N SER C 189 -6.55 -7.70 -21.23
CA SER C 189 -5.65 -8.69 -21.83
C SER C 189 -4.20 -8.16 -21.95
N LEU C 190 -4.09 -6.92 -22.44
CA LEU C 190 -2.78 -6.27 -22.53
C LEU C 190 -2.08 -6.10 -21.15
N ALA C 191 -2.82 -5.61 -20.17
CA ALA C 191 -2.31 -5.38 -18.81
C ALA C 191 -1.71 -6.67 -18.23
N MET C 192 -2.47 -7.76 -18.34
CA MET C 192 -1.97 -9.06 -17.89
C MET C 192 -0.68 -9.49 -18.59
N SER C 193 -0.64 -9.34 -19.93
CA SER C 193 0.59 -9.69 -20.64
C SER C 193 1.79 -8.82 -20.26
N ARG C 194 1.54 -7.55 -20.00
CA ARG C 194 2.61 -6.59 -19.74
C ARG C 194 3.23 -6.89 -18.38
N LEU C 195 2.38 -7.15 -17.40
CA LEU C 195 2.88 -7.54 -16.07
C LEU C 195 3.66 -8.85 -16.12
N ASP C 196 3.09 -9.86 -16.78
CA ASP C 196 3.82 -11.13 -16.94
C ASP C 196 5.17 -10.91 -17.62
N GLU C 197 5.19 -10.03 -18.62
CA GLU C 197 6.38 -9.78 -19.39
C GLU C 197 7.47 -9.10 -18.55
N VAL C 198 7.10 -8.17 -17.67
CA VAL C 198 8.12 -7.54 -16.84
C VAL C 198 8.69 -8.52 -15.78
N ILE C 199 7.80 -9.26 -15.12
CA ILE C 199 8.23 -10.32 -14.21
C ILE C 199 9.22 -11.29 -14.92
N SER C 200 8.78 -11.80 -16.06
CA SER C 200 9.57 -12.74 -16.86
C SER C 200 10.89 -12.13 -17.32
N LYS C 201 10.86 -10.85 -17.67
CA LYS C 201 12.04 -10.14 -18.15
C LYS C 201 13.13 -10.13 -17.09
N TYR C 202 12.74 -9.83 -15.85
CA TYR C 202 13.77 -9.80 -14.81
C TYR C 202 14.24 -11.19 -14.37
N ALA C 203 13.38 -12.19 -14.48
CA ALA C 203 13.85 -13.55 -14.23
C ALA C 203 14.89 -13.96 -15.29
N MET C 204 14.54 -13.67 -16.55
CA MET C 204 15.33 -14.04 -17.72
C MET C 204 16.67 -13.31 -17.68
N LEU C 205 16.68 -12.14 -17.07
CA LEU C 205 17.92 -11.42 -16.86
C LEU C 205 18.71 -12.03 -15.73
N GLN C 206 18.00 -12.50 -14.69
CA GLN C 206 18.66 -13.08 -13.54
C GLN C 206 19.49 -14.28 -13.99
N ASP C 207 18.93 -15.07 -14.91
CA ASP C 207 19.68 -16.17 -15.51
C ASP C 207 21.00 -15.71 -16.15
N LYS C 208 20.92 -14.77 -17.09
CA LYS C 208 22.07 -14.35 -17.89
C LYS C 208 23.26 -13.83 -17.06
N SER C 209 23.03 -13.57 -15.78
CA SER C 209 24.12 -13.15 -14.89
C SER C 209 24.85 -14.36 -14.32
P PO4 D . -13.73 3.13 16.34
O1 PO4 D . -14.31 2.95 17.72
O2 PO4 D . -14.73 2.66 15.31
O3 PO4 D . -13.43 4.60 16.12
O4 PO4 D . -12.46 2.32 16.22
P PO4 E . 17.04 -25.20 4.24
O1 PO4 E . 15.66 -25.64 4.67
O2 PO4 E . 17.10 -25.12 2.74
O3 PO4 E . 17.35 -23.87 4.86
O4 PO4 E . 18.04 -26.22 4.73
P PO4 F . -15.37 5.42 12.95
O1 PO4 F . -15.86 3.99 13.01
O2 PO4 F . -15.28 5.85 11.50
O3 PO4 F . -16.35 6.31 13.68
O4 PO4 F . -14.00 5.53 13.60
P PO4 G . -11.13 26.79 29.77
O1 PO4 G . -11.65 27.68 30.89
O2 PO4 G . -11.83 25.46 29.83
O3 PO4 G . -11.37 27.47 28.44
O4 PO4 G . -9.65 26.57 29.98
P PO4 H . 5.12 14.14 2.53
O1 PO4 H . 4.18 13.07 3.06
O2 PO4 H . 5.07 14.28 1.03
O3 PO4 H . 4.75 15.48 3.13
O4 PO4 H . 6.54 13.78 2.92
P PO4 I . 6.20 -15.48 28.34
O1 PO4 I . 5.88 -16.36 29.53
O2 PO4 I . 6.12 -16.29 27.07
O3 PO4 I . 5.21 -14.34 28.32
O4 PO4 I . 7.61 -14.93 28.49
#